data_2RHU
#
_entry.id   2RHU
#
_cell.length_a   85.166
_cell.length_b   94.023
_cell.length_c   59.187
_cell.angle_alpha   90.00
_cell.angle_beta   90.00
_cell.angle_gamma   90.00
#
_symmetry.space_group_name_H-M   'P 21 21 2'
#
loop_
_entity.id
_entity.type
_entity.pdbx_description
1 polymer 'Lethal(3)malignant brain tumor-like protein'
2 non-polymer 'SULFATE ION'
3 non-polymer N-DIMETHYL-LYSINE
4 non-polymer 'TETRAETHYLENE GLYCOL'
5 non-polymer DI(HYDROXYETHYL)ETHER
6 water water
#
_entity_poly.entity_id   1
_entity_poly.type   'polypeptide(L)'
_entity_poly.pdbx_seq_one_letter_code
;GPLGSWSWESYLEEQKAITAPVSLFQDSQAVTHNKNGFKLGMKLEGIDPQHPSMYFILTVAEVCGYRLRLHFDGYSE
(CML)HDFWVNANSPDIHPAGWFEKTGHKLQPPKGYKEEEFSWSQYLRSTRAQAAPKHLFVSQSHSPPPLGFQVGMKLEA
VDRMNPSLVCVASVTDVVDSRFLVHFDNWDDTYDYWCDPSSPYIHPVGWCQKQGKPLTPPQDYPDPDNF(CML)WEKYLE
ETGASAVPTWAFKVRPPHSFLVNMKLEAVDRRNPALIRVASVEDVEDHRIKIHFDGWSHGYDFWIDADHPDIHPAGWCSK
TGHPLQPPLGGGGSAPSTGG
;
_entity_poly.pdbx_strand_id   A
#
loop_
_chem_comp.id
_chem_comp.type
_chem_comp.name
_chem_comp.formula
PEG non-polymer DI(HYDROXYETHYL)ETHER 'C4 H10 O3'
PG4 non-polymer 'TETRAETHYLENE GLYCOL' 'C8 H18 O5'
SO4 non-polymer 'SULFATE ION' 'O4 S -2'
#
# COMPACT_ATOMS: atom_id res chain seq x y z
N SER A 5 -12.81 5.59 30.57
CA SER A 5 -13.11 5.42 29.12
C SER A 5 -12.60 6.65 28.35
N TRP A 6 -11.88 6.40 27.26
CA TRP A 6 -11.32 7.48 26.46
C TRP A 6 -12.24 7.80 25.29
N SER A 7 -12.42 9.09 25.00
CA SER A 7 -13.25 9.50 23.88
C SER A 7 -12.64 10.69 23.17
N TRP A 8 -12.81 10.75 21.85
CA TRP A 8 -12.27 11.84 21.05
C TRP A 8 -12.91 13.17 21.45
N GLU A 9 -14.21 13.13 21.70
CA GLU A 9 -14.95 14.32 22.10
C GLU A 9 -14.31 14.96 23.32
N SER A 10 -14.04 14.15 24.34
CA SER A 10 -13.44 14.66 25.57
C SER A 10 -12.01 15.13 25.35
N TYR A 11 -11.26 14.38 24.55
CA TYR A 11 -9.87 14.71 24.27
C TYR A 11 -9.75 16.05 23.53
N LEU A 12 -10.62 16.28 22.56
CA LEU A 12 -10.57 17.54 21.81
C LEU A 12 -10.83 18.72 22.72
N GLU A 13 -11.76 18.54 23.65
CA GLU A 13 -12.10 19.60 24.59
C GLU A 13 -10.91 19.88 25.49
N GLU A 14 -10.29 18.82 25.99
CA GLU A 14 -9.13 18.96 26.88
C GLU A 14 -7.95 19.63 26.19
N GLN A 15 -7.65 19.21 24.97
CA GLN A 15 -6.52 19.73 24.21
C GLN A 15 -6.83 20.99 23.39
N LYS A 16 -8.10 21.34 23.28
CA LYS A 16 -8.50 22.48 22.46
C LYS A 16 -7.94 22.19 21.06
N ALA A 17 -8.28 21.02 20.54
CA ALA A 17 -7.80 20.59 19.23
C ALA A 17 -8.93 20.29 18.26
N ILE A 18 -8.56 20.04 17.01
CA ILE A 18 -9.53 19.71 15.98
C ILE A 18 -9.07 18.44 15.25
N THR A 19 -10.03 17.70 14.70
CA THR A 19 -9.70 16.48 13.99
C THR A 19 -9.56 16.79 12.50
N ALA A 20 -8.88 15.90 11.78
CA ALA A 20 -8.75 16.07 10.34
C ALA A 20 -10.12 15.63 9.83
N PRO A 21 -10.82 16.49 9.07
CA PRO A 21 -12.13 16.12 8.55
C PRO A 21 -12.11 14.83 7.74
N VAL A 22 -13.19 14.06 7.82
CA VAL A 22 -13.32 12.83 7.06
C VAL A 22 -13.13 13.08 5.56
N SER A 23 -13.56 14.25 5.11
CA SER A 23 -13.44 14.61 3.69
C SER A 23 -12.00 14.63 3.17
N LEU A 24 -11.04 14.70 4.08
CA LEU A 24 -9.63 14.72 3.68
C LEU A 24 -9.09 13.34 3.32
N PHE A 25 -9.82 12.31 3.75
CA PHE A 25 -9.40 10.94 3.50
C PHE A 25 -10.10 10.35 2.28
N GLN A 26 -9.50 9.29 1.75
CA GLN A 26 -10.06 8.55 0.63
C GLN A 26 -11.20 7.74 1.24
N ASP A 27 -12.22 7.44 0.46
CA ASP A 27 -13.33 6.65 0.97
C ASP A 27 -12.87 5.34 1.61
N SER A 28 -11.88 4.69 0.99
CA SER A 28 -11.38 3.42 1.51
C SER A 28 -10.69 3.56 2.87
N GLN A 29 -10.17 4.74 3.17
CA GLN A 29 -9.51 4.98 4.46
C GLN A 29 -10.54 5.28 5.55
N ALA A 30 -11.66 5.83 5.13
CA ALA A 30 -12.71 6.26 6.05
C ALA A 30 -13.88 5.31 6.30
N VAL A 31 -14.16 4.43 5.34
CA VAL A 31 -15.31 3.52 5.49
C VAL A 31 -15.23 2.66 6.75
N THR A 32 -16.27 2.73 7.56
CA THR A 32 -16.30 1.99 8.82
C THR A 32 -17.47 1.02 8.97
N HIS A 33 -18.42 1.08 8.04
CA HIS A 33 -19.59 0.21 8.13
C HIS A 33 -19.50 -1.13 7.43
N ASN A 34 -18.32 -1.48 6.90
CA ASN A 34 -18.17 -2.77 6.23
C ASN A 34 -17.85 -3.85 7.25
N LYS A 35 -18.34 -5.06 7.01
CA LYS A 35 -18.09 -6.18 7.92
C LYS A 35 -16.80 -6.90 7.51
N ASN A 36 -16.03 -7.32 8.51
CA ASN A 36 -14.80 -8.06 8.26
C ASN A 36 -15.18 -9.52 8.48
N GLY A 37 -15.34 -10.26 7.39
CA GLY A 37 -15.74 -11.65 7.48
C GLY A 37 -14.61 -12.66 7.55
N PHE A 38 -13.36 -12.19 7.56
CA PHE A 38 -12.22 -13.10 7.63
C PHE A 38 -12.11 -13.72 9.03
N LYS A 39 -11.75 -14.98 9.08
CA LYS A 39 -11.60 -15.68 10.36
C LYS A 39 -10.23 -16.34 10.43
N LEU A 40 -9.74 -16.59 11.63
CA LEU A 40 -8.45 -17.22 11.83
C LEU A 40 -8.40 -18.57 11.12
N GLY A 41 -7.31 -18.82 10.41
CA GLY A 41 -7.16 -20.09 9.70
C GLY A 41 -7.52 -20.05 8.23
N MET A 42 -8.32 -19.07 7.81
CA MET A 42 -8.70 -18.99 6.40
C MET A 42 -7.47 -18.77 5.54
N LYS A 43 -7.43 -19.45 4.39
CA LYS A 43 -6.31 -19.32 3.48
C LYS A 43 -6.71 -18.54 2.23
N LEU A 44 -5.74 -17.83 1.66
CA LEU A 44 -5.99 -17.02 0.48
C LEU A 44 -4.69 -16.76 -0.27
N GLU A 45 -4.77 -15.87 -1.25
CA GLU A 45 -3.63 -15.48 -2.07
C GLU A 45 -3.37 -13.99 -1.90
N GLY A 46 -2.12 -13.57 -2.06
CA GLY A 46 -1.81 -12.16 -1.91
C GLY A 46 -0.41 -11.82 -2.33
N ILE A 47 -0.17 -10.54 -2.61
CA ILE A 47 1.16 -10.11 -3.01
C ILE A 47 2.01 -9.94 -1.77
N ASP A 48 3.32 -10.06 -1.95
CA ASP A 48 4.26 -9.86 -0.87
C ASP A 48 4.45 -8.34 -0.90
N PRO A 49 4.10 -7.65 0.19
CA PRO A 49 4.25 -6.20 0.23
C PRO A 49 5.67 -5.73 -0.08
N GLN A 50 6.66 -6.56 0.21
CA GLN A 50 8.05 -6.20 -0.05
C GLN A 50 8.51 -6.71 -1.41
N HIS A 51 7.57 -7.24 -2.18
CA HIS A 51 7.86 -7.78 -3.50
C HIS A 51 6.53 -7.83 -4.25
N PRO A 52 5.93 -6.66 -4.49
CA PRO A 52 4.64 -6.43 -5.17
C PRO A 52 4.31 -7.23 -6.42
N SER A 53 5.31 -7.78 -7.09
CA SER A 53 5.07 -8.56 -8.30
C SER A 53 4.89 -10.05 -8.01
N MET A 54 5.16 -10.45 -6.77
CA MET A 54 5.07 -11.86 -6.36
C MET A 54 3.79 -12.19 -5.58
N TYR A 55 3.26 -13.38 -5.82
CA TYR A 55 2.06 -13.85 -5.14
C TYR A 55 2.37 -15.06 -4.27
N PHE A 56 1.81 -15.08 -3.06
CA PHE A 56 2.03 -16.18 -2.13
C PHE A 56 0.73 -16.67 -1.51
N ILE A 57 0.79 -17.87 -0.95
CA ILE A 57 -0.33 -18.47 -0.27
C ILE A 57 -0.28 -17.88 1.13
N LEU A 58 -1.39 -17.33 1.59
CA LEU A 58 -1.45 -16.68 2.90
C LEU A 58 -2.55 -17.24 3.79
N THR A 59 -2.32 -17.14 5.10
CA THR A 59 -3.28 -17.62 6.09
C THR A 59 -3.59 -16.48 7.07
N VAL A 60 -4.87 -16.37 7.45
CA VAL A 60 -5.28 -15.36 8.41
C VAL A 60 -4.80 -15.84 9.77
N ALA A 61 -3.81 -15.13 10.33
CA ALA A 61 -3.22 -15.49 11.62
C ALA A 61 -3.92 -14.81 12.78
N GLU A 62 -4.56 -13.67 12.52
CA GLU A 62 -5.23 -12.92 13.56
C GLU A 62 -6.23 -11.95 12.95
N VAL A 63 -7.31 -11.66 13.67
CA VAL A 63 -8.31 -10.71 13.20
C VAL A 63 -8.53 -9.70 14.31
N CYS A 64 -8.66 -8.43 13.93
CA CYS A 64 -8.88 -7.37 14.90
C CYS A 64 -9.63 -6.22 14.22
N GLY A 65 -10.88 -6.04 14.60
CA GLY A 65 -11.67 -4.98 14.00
C GLY A 65 -11.78 -5.24 12.50
N TYR A 66 -11.48 -4.24 11.70
CA TYR A 66 -11.57 -4.34 10.25
C TYR A 66 -10.21 -4.72 9.65
N ARG A 67 -9.30 -5.20 10.49
CA ARG A 67 -7.97 -5.60 10.07
C ARG A 67 -7.70 -7.08 10.31
N LEU A 68 -6.65 -7.58 9.67
CA LEU A 68 -6.26 -8.97 9.84
C LEU A 68 -4.77 -9.09 9.61
N ARG A 69 -4.16 -10.05 10.30
CA ARG A 69 -2.73 -10.30 10.17
C ARG A 69 -2.58 -11.51 9.26
N LEU A 70 -1.73 -11.39 8.26
CA LEU A 70 -1.51 -12.47 7.29
C LEU A 70 -0.15 -13.13 7.47
N HIS A 71 -0.14 -14.45 7.30
CA HIS A 71 1.08 -15.26 7.44
C HIS A 71 1.43 -15.98 6.15
N PHE A 72 2.71 -15.96 5.78
CA PHE A 72 3.18 -16.63 4.58
C PHE A 72 3.35 -18.11 4.92
N ASP A 73 2.43 -18.94 4.44
CA ASP A 73 2.46 -20.38 4.70
C ASP A 73 3.84 -21.01 4.52
N GLY A 74 4.33 -21.66 5.58
CA GLY A 74 5.62 -22.33 5.51
C GLY A 74 6.83 -21.48 5.90
N TYR A 75 6.66 -20.17 5.94
CA TYR A 75 7.76 -19.29 6.29
C TYR A 75 7.68 -18.76 7.71
N SER A 76 8.70 -18.03 8.13
CA SER A 76 8.77 -17.48 9.49
C SER A 76 7.68 -16.47 9.78
N GLU A 77 7.24 -16.44 11.04
CA GLU A 77 6.21 -15.51 11.46
C GLU A 77 6.74 -14.09 11.45
O5 CML A 78 12.64 -15.51 11.15
C4 CML A 78 12.59 -14.81 12.20
O4 CML A 78 12.28 -15.22 13.33
C3 CML A 78 12.92 -13.33 12.06
C2 CML A 78 12.77 -12.85 10.63
C1 CML A 78 13.82 -13.54 9.77
O1 CML A 78 13.45 -13.96 8.64
O2 CML A 78 14.97 -13.64 10.25
SG CML A 78 11.06 -13.18 10.01
CB CML A 78 10.13 -12.57 11.46
CA CML A 78 8.62 -12.59 11.32
C CML A 78 8.21 -11.84 10.06
O CML A 78 8.37 -10.62 9.98
N CML A 78 8.07 -13.94 11.32
N HIS A 79 7.68 -12.57 9.07
CA HIS A 79 7.25 -11.93 7.82
C HIS A 79 5.77 -11.56 7.85
N ASP A 80 5.08 -11.90 8.92
CA ASP A 80 3.64 -11.60 9.03
C ASP A 80 3.39 -10.12 8.86
N PHE A 81 2.27 -9.77 8.23
CA PHE A 81 1.94 -8.38 8.02
C PHE A 81 0.44 -8.15 8.16
N TRP A 82 0.05 -6.93 8.51
CA TRP A 82 -1.35 -6.57 8.68
C TRP A 82 -1.93 -5.79 7.50
N VAL A 83 -3.20 -6.08 7.17
CA VAL A 83 -3.89 -5.37 6.12
C VAL A 83 -5.32 -5.11 6.59
N ASN A 84 -6.04 -4.26 5.86
CA ASN A 84 -7.44 -3.98 6.19
C ASN A 84 -8.24 -4.95 5.35
N ALA A 85 -9.47 -5.23 5.75
CA ALA A 85 -10.34 -6.18 5.04
C ALA A 85 -10.66 -5.73 3.61
N ASN A 86 -10.50 -4.45 3.31
CA ASN A 86 -10.79 -3.96 1.97
C ASN A 86 -9.51 -3.78 1.15
N SER A 87 -8.45 -4.48 1.55
CA SER A 87 -7.19 -4.41 0.83
C SER A 87 -7.33 -4.93 -0.59
N PRO A 88 -6.74 -4.22 -1.56
CA PRO A 88 -6.83 -4.66 -2.96
C PRO A 88 -5.64 -5.58 -3.28
N ASP A 89 -4.81 -5.84 -2.28
CA ASP A 89 -3.61 -6.67 -2.47
C ASP A 89 -3.73 -8.13 -2.06
N ILE A 90 -4.96 -8.60 -1.87
CA ILE A 90 -5.20 -9.99 -1.52
C ILE A 90 -6.30 -10.48 -2.45
N HIS A 91 -6.32 -11.78 -2.71
CA HIS A 91 -7.30 -12.37 -3.61
C HIS A 91 -7.75 -13.74 -3.11
N PRO A 92 -8.96 -14.19 -3.50
CA PRO A 92 -9.45 -15.50 -3.07
C PRO A 92 -8.72 -16.62 -3.77
N ALA A 93 -8.68 -17.78 -3.12
CA ALA A 93 -8.02 -18.96 -3.68
C ALA A 93 -8.53 -19.21 -5.10
N GLY A 94 -7.61 -19.49 -6.02
CA GLY A 94 -8.00 -19.74 -7.40
C GLY A 94 -7.84 -18.53 -8.30
N TRP A 95 -7.60 -17.37 -7.70
CA TRP A 95 -7.45 -16.14 -8.45
C TRP A 95 -6.27 -16.16 -9.43
N PHE A 96 -5.12 -16.65 -8.96
CA PHE A 96 -3.94 -16.68 -9.82
C PHE A 96 -4.14 -17.55 -11.06
N GLU A 97 -4.77 -18.71 -10.89
CA GLU A 97 -5.00 -19.61 -12.01
C GLU A 97 -6.07 -19.05 -12.95
N LYS A 98 -7.05 -18.38 -12.37
CA LYS A 98 -8.13 -17.79 -13.16
C LYS A 98 -7.66 -16.60 -13.98
N THR A 99 -6.70 -15.85 -13.45
CA THR A 99 -6.19 -14.67 -14.13
C THR A 99 -4.85 -14.85 -14.83
N GLY A 100 -4.27 -16.05 -14.71
CA GLY A 100 -3.00 -16.32 -15.37
C GLY A 100 -1.75 -15.79 -14.68
N HIS A 101 -1.82 -15.61 -13.36
CA HIS A 101 -0.66 -15.13 -12.63
C HIS A 101 0.10 -16.31 -12.08
N LYS A 102 1.34 -16.07 -11.66
CA LYS A 102 2.20 -17.11 -11.13
C LYS A 102 2.17 -17.15 -9.60
N LEU A 103 2.30 -18.34 -9.04
CA LEU A 103 2.30 -18.50 -7.60
C LEU A 103 3.64 -18.97 -7.05
N GLN A 104 4.06 -18.35 -5.95
CA GLN A 104 5.30 -18.75 -5.29
C GLN A 104 4.76 -19.64 -4.19
N PRO A 105 4.79 -20.97 -4.40
CA PRO A 105 4.30 -21.96 -3.43
C PRO A 105 4.85 -21.90 -2.02
N PRO A 106 4.12 -22.52 -1.07
CA PRO A 106 4.53 -22.55 0.34
C PRO A 106 5.92 -23.16 0.45
N LYS A 107 6.68 -22.72 1.45
CA LYS A 107 8.02 -23.24 1.65
C LYS A 107 7.98 -24.76 1.73
N GLY A 108 8.83 -25.41 0.95
CA GLY A 108 8.84 -26.86 0.95
C GLY A 108 8.04 -27.42 -0.21
N TYR A 109 7.63 -26.55 -1.13
CA TYR A 109 6.89 -26.98 -2.30
C TYR A 109 7.59 -26.53 -3.57
N LYS A 110 7.25 -27.18 -4.68
CA LYS A 110 7.68 -26.70 -6.00
C LYS A 110 6.34 -26.39 -6.70
N GLU A 111 6.40 -25.48 -7.66
CA GLU A 111 5.20 -24.92 -8.29
C GLU A 111 4.29 -25.87 -9.03
N GLU A 112 4.91 -26.84 -9.68
CA GLU A 112 4.20 -27.91 -10.31
C GLU A 112 3.39 -28.61 -9.19
N GLU A 113 3.94 -28.57 -7.99
CA GLU A 113 3.42 -29.33 -6.86
C GLU A 113 2.20 -28.86 -6.11
N PHE A 114 1.71 -27.68 -6.51
CA PHE A 114 0.60 -27.07 -5.83
C PHE A 114 -0.77 -27.12 -6.49
N SER A 115 -1.77 -27.49 -5.69
CA SER A 115 -3.15 -27.52 -6.14
C SER A 115 -3.92 -27.18 -4.88
N TRP A 116 -4.79 -26.19 -4.96
CA TRP A 116 -5.58 -25.76 -3.81
C TRP A 116 -6.36 -26.88 -3.14
N SER A 117 -6.99 -27.73 -3.95
CA SER A 117 -7.78 -28.83 -3.39
C SER A 117 -6.93 -29.74 -2.53
N GLN A 118 -5.75 -30.09 -3.02
CA GLN A 118 -4.85 -30.97 -2.27
C GLN A 118 -4.26 -30.26 -1.06
N TYR A 119 -3.89 -29.00 -1.25
CA TYR A 119 -3.29 -28.24 -0.16
C TYR A 119 -4.27 -28.10 1.01
N LEU A 120 -5.54 -27.86 0.71
CA LEU A 120 -6.54 -27.71 1.76
C LEU A 120 -6.73 -29.04 2.51
N ARG A 121 -6.58 -30.15 1.80
CA ARG A 121 -6.69 -31.46 2.43
C ARG A 121 -5.50 -31.63 3.36
N SER A 122 -4.31 -31.36 2.84
CA SER A 122 -3.08 -31.52 3.60
C SER A 122 -3.01 -30.66 4.85
N THR A 123 -3.69 -29.51 4.83
CA THR A 123 -3.69 -28.61 5.97
C THR A 123 -5.00 -28.63 6.74
N ARG A 124 -5.96 -29.41 6.25
CA ARG A 124 -7.26 -29.51 6.90
C ARG A 124 -7.82 -28.11 7.17
N ALA A 125 -7.72 -27.26 6.16
CA ALA A 125 -8.18 -25.88 6.27
C ALA A 125 -9.19 -25.54 5.18
N GLN A 126 -9.69 -24.31 5.23
CA GLN A 126 -10.66 -23.83 4.25
C GLN A 126 -10.16 -22.50 3.67
N ALA A 127 -10.54 -22.22 2.43
CA ALA A 127 -10.17 -20.98 1.78
C ALA A 127 -11.16 -19.90 2.15
N ALA A 128 -10.70 -18.66 2.26
CA ALA A 128 -11.61 -17.56 2.58
C ALA A 128 -12.57 -17.44 1.41
N PRO A 129 -13.88 -17.34 1.71
CA PRO A 129 -14.92 -17.23 0.69
C PRO A 129 -14.71 -16.04 -0.25
N LYS A 130 -15.07 -16.22 -1.51
CA LYS A 130 -14.92 -15.18 -2.52
C LYS A 130 -15.62 -13.87 -2.21
N HIS A 131 -16.80 -13.94 -1.59
CA HIS A 131 -17.55 -12.73 -1.27
C HIS A 131 -16.87 -11.89 -0.19
N LEU A 132 -16.01 -12.53 0.60
CA LEU A 132 -15.30 -11.83 1.66
C LEU A 132 -14.38 -10.75 1.12
N PHE A 133 -14.06 -10.84 -0.17
CA PHE A 133 -13.14 -9.89 -0.80
C PHE A 133 -13.66 -8.68 -1.54
N VAL A 134 -12.63 -7.99 -2.07
CA VAL A 134 -12.69 -6.76 -2.86
C VAL A 134 -12.01 -6.86 -4.26
N SER A 135 -10.87 -7.56 -4.40
CA SER A 135 -10.29 -7.65 -5.76
C SER A 135 -10.08 -9.08 -6.25
N GLN A 136 -10.81 -9.35 -7.31
CA GLN A 136 -10.82 -10.65 -7.90
C GLN A 136 -10.83 -10.47 -9.41
N SER A 137 -10.59 -9.22 -9.76
CA SER A 137 -10.34 -8.85 -11.13
C SER A 137 -11.39 -8.90 -12.20
N HIS A 138 -12.56 -8.52 -11.71
CA HIS A 138 -13.77 -8.37 -12.49
C HIS A 138 -13.97 -6.86 -12.76
N SER A 139 -13.09 -5.98 -12.25
CA SER A 139 -13.29 -4.50 -12.33
C SER A 139 -12.81 -3.63 -13.57
N PRO A 140 -13.21 -2.33 -13.66
CA PRO A 140 -12.84 -1.45 -14.79
C PRO A 140 -11.38 -1.10 -14.87
N PRO A 141 -10.74 -1.41 -16.02
CA PRO A 141 -9.34 -1.05 -16.03
C PRO A 141 -9.05 0.44 -15.97
N PRO A 142 -7.80 0.77 -15.66
CA PRO A 142 -7.30 2.14 -15.55
C PRO A 142 -7.22 2.61 -16.98
N LEU A 143 -8.05 3.60 -17.32
CA LEU A 143 -8.07 4.10 -18.67
C LEU A 143 -6.74 4.60 -19.18
N GLY A 144 -6.34 4.10 -20.34
CA GLY A 144 -5.10 4.55 -20.95
C GLY A 144 -3.82 3.86 -20.54
N PHE A 145 -3.88 2.99 -19.54
CA PHE A 145 -2.67 2.28 -19.10
C PHE A 145 -2.73 0.81 -19.49
N GLN A 146 -1.88 0.40 -20.43
CA GLN A 146 -1.86 -0.99 -20.87
C GLN A 146 -0.47 -1.59 -20.66
N VAL A 147 -0.44 -2.90 -20.40
CA VAL A 147 0.83 -3.60 -20.23
C VAL A 147 1.70 -3.30 -21.44
N GLY A 148 2.97 -2.98 -21.20
CA GLY A 148 3.88 -2.69 -22.30
C GLY A 148 4.17 -1.21 -22.50
N MET A 149 3.26 -0.35 -22.09
CA MET A 149 3.48 1.10 -22.25
C MET A 149 4.56 1.56 -21.31
N LYS A 150 5.23 2.66 -21.70
CA LYS A 150 6.28 3.22 -20.89
C LYS A 150 5.96 4.60 -20.31
N LEU A 151 6.71 4.91 -19.26
CA LEU A 151 6.49 6.13 -18.54
C LEU A 151 7.71 6.42 -17.65
N GLU A 152 7.61 7.52 -16.90
CA GLU A 152 8.64 7.90 -15.98
C GLU A 152 8.06 7.76 -14.57
N ALA A 153 8.85 7.18 -13.65
CA ALA A 153 8.35 6.98 -12.29
C ALA A 153 9.42 7.16 -11.22
N VAL A 154 8.99 7.56 -10.03
CA VAL A 154 9.88 7.74 -8.90
C VAL A 154 10.16 6.39 -8.28
N ASP A 155 11.43 6.13 -7.98
CA ASP A 155 11.81 4.88 -7.33
C ASP A 155 11.52 5.15 -5.85
N ARG A 156 10.46 4.54 -5.31
CA ARG A 156 10.12 4.78 -3.91
C ARG A 156 11.22 4.33 -2.94
N MET A 157 12.12 3.47 -3.42
CA MET A 157 13.24 2.96 -2.60
C MET A 157 14.41 3.94 -2.64
N ASN A 158 14.43 4.79 -3.65
CA ASN A 158 15.48 5.80 -3.83
C ASN A 158 14.74 7.01 -4.41
N PRO A 159 13.96 7.69 -3.56
CA PRO A 159 13.12 8.88 -3.80
C PRO A 159 13.65 10.00 -4.67
N SER A 160 14.97 10.18 -4.74
CA SER A 160 15.52 11.24 -5.56
C SER A 160 15.63 10.84 -7.02
N LEU A 161 15.33 9.58 -7.32
CA LEU A 161 15.43 9.09 -8.69
C LEU A 161 14.09 8.96 -9.41
N VAL A 162 14.01 9.53 -10.60
CA VAL A 162 12.83 9.43 -11.46
C VAL A 162 13.41 8.61 -12.61
N CYS A 163 12.79 7.47 -12.91
CA CYS A 163 13.35 6.57 -13.90
C CYS A 163 12.47 6.09 -15.05
N VAL A 164 13.13 5.51 -16.04
CA VAL A 164 12.47 4.93 -17.20
C VAL A 164 11.74 3.70 -16.66
N ALA A 165 10.42 3.65 -16.82
CA ALA A 165 9.65 2.54 -16.32
C ALA A 165 8.62 2.03 -17.32
N SER A 166 8.02 0.88 -17.00
CA SER A 166 7.02 0.26 -17.85
C SER A 166 5.85 -0.29 -17.04
N VAL A 167 4.71 -0.43 -17.69
CA VAL A 167 3.53 -1.01 -17.06
C VAL A 167 3.69 -2.50 -17.36
N THR A 168 3.81 -3.33 -16.33
CA THR A 168 3.99 -4.76 -16.56
C THR A 168 2.75 -5.61 -16.24
N ASP A 169 1.74 -5.00 -15.65
CA ASP A 169 0.52 -5.73 -15.37
C ASP A 169 -0.60 -4.79 -14.98
N VAL A 170 -1.83 -5.26 -15.18
CA VAL A 170 -3.01 -4.49 -14.85
C VAL A 170 -3.95 -5.43 -14.12
N VAL A 171 -4.42 -5.02 -12.95
CA VAL A 171 -5.34 -5.84 -12.17
C VAL A 171 -6.47 -4.93 -11.71
N ASP A 172 -7.67 -5.20 -12.20
CA ASP A 172 -8.82 -4.38 -11.87
C ASP A 172 -8.53 -2.91 -12.17
N SER A 173 -8.58 -2.02 -11.18
CA SER A 173 -8.32 -0.62 -11.49
C SER A 173 -6.89 -0.12 -11.26
N ARG A 174 -5.96 -1.03 -10.99
CA ARG A 174 -4.58 -0.63 -10.77
C ARG A 174 -3.63 -1.25 -11.78
N PHE A 175 -2.41 -0.73 -11.82
CA PHE A 175 -1.39 -1.26 -12.71
C PHE A 175 -0.06 -1.33 -11.98
N LEU A 176 0.79 -2.24 -12.43
CA LEU A 176 2.09 -2.44 -11.81
C LEU A 176 3.18 -1.68 -12.55
N VAL A 177 3.93 -0.86 -11.81
CA VAL A 177 5.00 -0.08 -12.39
C VAL A 177 6.31 -0.84 -12.17
N HIS A 178 7.03 -1.06 -13.26
CA HIS A 178 8.29 -1.79 -13.21
C HIS A 178 9.41 -0.91 -13.75
N PHE A 179 10.59 -1.02 -13.14
CA PHE A 179 11.74 -0.24 -13.56
C PHE A 179 12.60 -1.04 -14.52
N ASP A 180 12.61 -0.58 -15.78
CA ASP A 180 13.31 -1.22 -16.88
C ASP A 180 14.71 -1.76 -16.61
N ASN A 181 14.82 -3.07 -16.75
CA ASN A 181 16.05 -3.82 -16.55
C ASN A 181 16.56 -3.84 -15.12
N TRP A 182 15.70 -3.49 -14.18
CA TRP A 182 16.06 -3.53 -12.75
C TRP A 182 15.25 -4.71 -12.22
N ASP A 183 15.66 -5.27 -11.08
CA ASP A 183 14.91 -6.41 -10.56
C ASP A 183 13.52 -5.94 -10.11
N ASP A 184 12.56 -6.86 -10.14
CA ASP A 184 11.18 -6.53 -9.78
C ASP A 184 10.88 -6.20 -8.32
N THR A 185 11.91 -6.17 -7.47
CA THR A 185 11.68 -5.84 -6.07
C THR A 185 11.32 -4.37 -5.95
N TYR A 186 11.63 -3.61 -6.99
CA TYR A 186 11.35 -2.17 -7.01
C TYR A 186 9.95 -1.84 -7.55
N ASP A 187 9.23 -2.86 -8.04
CA ASP A 187 7.87 -2.65 -8.58
C ASP A 187 6.91 -2.17 -7.51
N TYR A 188 5.84 -1.49 -7.93
CA TYR A 188 4.80 -1.05 -7.01
C TYR A 188 3.52 -0.78 -7.77
N TRP A 189 2.38 -1.02 -7.11
CA TRP A 189 1.08 -0.82 -7.73
C TRP A 189 0.64 0.64 -7.72
N CYS A 190 0.01 1.05 -8.81
CA CYS A 190 -0.45 2.42 -8.99
C CYS A 190 -1.81 2.51 -9.63
N ASP A 191 -2.31 3.74 -9.65
CA ASP A 191 -3.56 4.06 -10.29
C ASP A 191 -3.21 5.35 -11.04
N PRO A 192 -4.05 5.77 -12.00
CA PRO A 192 -3.82 6.98 -12.78
C PRO A 192 -3.55 8.28 -12.06
N SER A 193 -3.97 8.40 -10.80
CA SER A 193 -3.76 9.64 -10.05
C SER A 193 -2.49 9.67 -9.20
N SER A 194 -1.68 8.62 -9.25
CA SER A 194 -0.46 8.59 -8.44
C SER A 194 0.47 9.77 -8.75
N PRO A 195 0.92 10.47 -7.70
CA PRO A 195 1.82 11.61 -7.93
C PRO A 195 3.26 11.17 -8.16
N TYR A 196 3.50 9.86 -8.14
CA TYR A 196 4.85 9.32 -8.33
C TYR A 196 5.16 8.89 -9.75
N ILE A 197 4.20 9.06 -10.65
CA ILE A 197 4.41 8.69 -12.06
C ILE A 197 4.20 9.90 -12.95
N HIS A 198 4.86 9.90 -14.11
CA HIS A 198 4.77 11.00 -15.06
C HIS A 198 4.89 10.48 -16.49
N PRO A 199 4.41 11.25 -17.47
CA PRO A 199 4.49 10.82 -18.86
C PRO A 199 5.92 10.93 -19.39
N VAL A 200 6.22 10.17 -20.44
CA VAL A 200 7.52 10.20 -21.08
C VAL A 200 7.85 11.66 -21.42
N GLY A 201 9.05 12.11 -21.04
CA GLY A 201 9.46 13.48 -21.34
C GLY A 201 9.34 14.47 -20.18
N TRP A 202 8.70 14.06 -19.10
CA TRP A 202 8.50 14.92 -17.94
C TRP A 202 9.82 15.47 -17.37
N CYS A 203 10.76 14.58 -17.06
CA CYS A 203 12.05 15.00 -16.50
C CYS A 203 12.73 16.07 -17.34
N GLN A 204 12.76 15.89 -18.66
CA GLN A 204 13.39 16.85 -19.55
C GLN A 204 12.74 18.23 -19.46
N LYS A 205 11.41 18.25 -19.36
CA LYS A 205 10.68 19.51 -19.27
C LYS A 205 10.84 20.15 -17.90
N GLN A 206 11.20 19.34 -16.91
CA GLN A 206 11.39 19.84 -15.55
C GLN A 206 12.84 20.17 -15.26
N GLY A 207 13.76 19.59 -16.04
CA GLY A 207 15.17 19.83 -15.82
C GLY A 207 15.76 18.83 -14.84
N LYS A 208 14.96 17.82 -14.50
CA LYS A 208 15.41 16.77 -13.58
C LYS A 208 16.12 15.64 -14.31
N PRO A 209 17.19 15.10 -13.71
CA PRO A 209 17.93 14.01 -14.35
C PRO A 209 17.06 12.76 -14.42
N LEU A 210 17.12 12.06 -15.55
CA LEU A 210 16.33 10.85 -15.75
C LEU A 210 17.23 9.61 -15.64
N THR A 211 16.83 8.66 -14.81
CA THR A 211 17.59 7.43 -14.62
C THR A 211 17.19 6.43 -15.71
N PRO A 212 18.11 6.13 -16.65
CA PRO A 212 17.85 5.20 -17.75
C PRO A 212 17.80 3.75 -17.25
N PRO A 213 17.40 2.82 -18.13
CA PRO A 213 17.34 1.41 -17.73
C PRO A 213 18.72 0.99 -17.22
N GLN A 214 18.75 -0.01 -16.35
CA GLN A 214 20.03 -0.46 -15.80
C GLN A 214 21.00 -0.88 -16.90
N ASP A 215 22.23 -0.36 -16.79
CA ASP A 215 23.29 -0.66 -17.75
C ASP A 215 22.97 -0.26 -19.18
N TYR A 216 22.13 0.76 -19.36
CA TYR A 216 21.80 1.20 -20.71
C TYR A 216 23.07 1.69 -21.38
N PRO A 217 23.39 1.18 -22.57
CA PRO A 217 24.59 1.58 -23.30
C PRO A 217 24.70 3.09 -23.49
N ASP A 218 25.78 3.68 -23.00
CA ASP A 218 25.97 5.12 -23.12
C ASP A 218 24.76 5.80 -22.48
N PRO A 219 24.54 5.55 -21.18
CA PRO A 219 23.42 6.13 -20.41
C PRO A 219 23.24 7.63 -20.52
N ASP A 220 24.34 8.35 -20.63
CA ASP A 220 24.28 9.80 -20.72
C ASP A 220 23.48 10.29 -21.92
N ASN A 221 23.56 9.56 -23.03
CA ASN A 221 22.83 9.94 -24.24
C ASN A 221 21.51 9.21 -24.41
N PHE A 222 20.84 8.89 -23.30
CA PHE A 222 19.56 8.19 -23.40
C PHE A 222 18.55 9.13 -24.05
O5 CML A 223 17.88 13.00 -29.55
C4 CML A 223 16.76 12.80 -30.08
O4 CML A 223 16.56 12.61 -31.30
C3 CML A 223 15.55 12.80 -29.16
C2 CML A 223 15.81 11.95 -27.93
C1 CML A 223 14.60 12.05 -27.00
O1 CML A 223 13.60 11.37 -27.31
O2 CML A 223 14.69 12.81 -26.03
SG CML A 223 16.11 10.21 -28.40
CB CML A 223 17.39 9.69 -27.19
CA CML A 223 16.84 9.37 -25.79
C CML A 223 15.57 8.53 -25.87
O CML A 223 15.56 7.48 -26.50
N CML A 223 17.85 8.62 -25.05
N TRP A 224 14.50 9.00 -25.23
CA TRP A 224 13.22 8.29 -25.24
C TRP A 224 12.79 7.81 -26.62
N GLU A 225 12.77 8.70 -27.61
CA GLU A 225 12.35 8.31 -28.96
C GLU A 225 13.14 7.13 -29.51
N LYS A 226 14.44 7.11 -29.27
CA LYS A 226 15.28 6.02 -29.74
C LYS A 226 14.93 4.73 -29.01
N TYR A 227 14.69 4.84 -27.71
CA TYR A 227 14.35 3.68 -26.89
C TYR A 227 12.99 3.12 -27.27
N LEU A 228 12.03 4.01 -27.52
CA LEU A 228 10.69 3.58 -27.92
C LEU A 228 10.78 2.85 -29.25
N GLU A 229 11.67 3.31 -30.12
CA GLU A 229 11.87 2.67 -31.42
C GLU A 229 12.52 1.30 -31.25
N GLU A 230 13.53 1.22 -30.39
CA GLU A 230 14.23 -0.04 -30.15
C GLU A 230 13.32 -1.11 -29.57
N THR A 231 12.42 -0.69 -28.68
CA THR A 231 11.50 -1.60 -28.02
C THR A 231 10.15 -1.77 -28.73
N GLY A 232 9.84 -0.84 -29.62
CA GLY A 232 8.57 -0.90 -30.33
C GLY A 232 7.43 -0.58 -29.38
N ALA A 233 7.76 -0.05 -28.21
CA ALA A 233 6.77 0.28 -27.19
C ALA A 233 6.19 1.68 -27.34
N SER A 234 4.98 1.85 -26.82
CA SER A 234 4.30 3.14 -26.83
C SER A 234 4.43 3.77 -25.46
N ALA A 235 4.35 5.10 -25.40
CA ALA A 235 4.41 5.80 -24.13
C ALA A 235 2.96 5.87 -23.65
N VAL A 236 2.75 5.81 -22.35
CA VAL A 236 1.39 5.95 -21.83
C VAL A 236 0.99 7.34 -22.33
N PRO A 237 -0.21 7.49 -22.90
CA PRO A 237 -0.61 8.82 -23.38
C PRO A 237 -0.79 9.84 -22.26
N THR A 238 -0.42 11.09 -22.52
CA THR A 238 -0.54 12.14 -21.50
C THR A 238 -1.92 12.25 -20.87
N TRP A 239 -2.97 12.13 -21.69
CA TRP A 239 -4.33 12.26 -21.16
C TRP A 239 -4.67 11.25 -20.07
N ALA A 240 -3.98 10.12 -20.05
CA ALA A 240 -4.25 9.08 -19.05
C ALA A 240 -3.83 9.46 -17.63
N PHE A 241 -2.88 10.38 -17.51
CA PHE A 241 -2.42 10.80 -16.19
C PHE A 241 -3.39 11.82 -15.59
N LYS A 242 -4.01 11.46 -14.46
CA LYS A 242 -4.97 12.34 -13.80
C LYS A 242 -4.39 12.75 -12.43
N VAL A 243 -3.44 13.69 -12.44
CA VAL A 243 -2.81 14.14 -11.20
C VAL A 243 -3.76 14.60 -10.14
N ARG A 244 -3.46 14.09 -8.94
CA ARG A 244 -4.17 14.31 -7.75
C ARG A 244 -3.81 15.64 -7.08
N PRO A 245 -4.80 16.42 -6.58
CA PRO A 245 -4.45 17.70 -5.98
C PRO A 245 -3.67 17.41 -4.68
N PRO A 246 -2.81 18.34 -4.23
CA PRO A 246 -2.08 18.06 -3.00
C PRO A 246 -3.14 17.90 -1.90
N HIS A 247 -2.85 17.10 -0.88
CA HIS A 247 -3.82 16.87 0.19
C HIS A 247 -4.05 18.16 0.98
N SER A 248 -5.10 18.16 1.80
CA SER A 248 -5.41 19.34 2.60
C SER A 248 -5.28 19.15 4.11
N PHE A 249 -4.45 18.19 4.53
CA PHE A 249 -4.23 18.00 5.97
C PHE A 249 -3.41 19.19 6.45
N LEU A 250 -3.72 19.71 7.63
CA LEU A 250 -3.00 20.84 8.19
C LEU A 250 -2.30 20.40 9.47
N VAL A 251 -1.17 21.01 9.79
CA VAL A 251 -0.45 20.62 10.99
C VAL A 251 -1.34 20.77 12.23
N ASN A 252 -1.18 19.85 13.16
CA ASN A 252 -1.93 19.80 14.41
C ASN A 252 -3.29 19.09 14.36
N MET A 253 -3.80 18.81 13.15
CA MET A 253 -5.07 18.09 13.05
C MET A 253 -4.87 16.70 13.64
N LYS A 254 -5.90 16.18 14.30
CA LYS A 254 -5.84 14.86 14.93
C LYS A 254 -6.44 13.76 14.06
N LEU A 255 -5.89 12.56 14.18
CA LEU A 255 -6.38 11.40 13.44
C LEU A 255 -5.92 10.12 14.13
N GLU A 256 -6.09 9.00 13.45
CA GLU A 256 -5.67 7.69 13.97
C GLU A 256 -4.73 7.03 12.96
N ALA A 257 -3.66 6.42 13.45
CA ALA A 257 -2.70 5.78 12.56
C ALA A 257 -2.10 4.51 13.15
N VAL A 258 -1.83 3.54 12.27
CA VAL A 258 -1.22 2.28 12.68
C VAL A 258 0.22 2.57 13.14
N ASP A 259 0.63 1.93 14.22
CA ASP A 259 1.98 2.11 14.73
C ASP A 259 2.93 1.35 13.80
N ARG A 260 3.98 2.02 13.36
CA ARG A 260 4.96 1.42 12.46
C ARG A 260 5.89 0.43 13.15
N ARG A 261 6.12 0.63 14.44
CA ARG A 261 6.99 -0.27 15.21
C ARG A 261 6.29 -1.54 15.67
N ASN A 262 5.01 -1.43 15.99
CA ASN A 262 4.20 -2.57 16.41
C ASN A 262 2.88 -2.40 15.65
N PRO A 263 2.82 -2.88 14.40
CA PRO A 263 1.66 -2.81 13.50
C PRO A 263 0.32 -3.33 14.03
N ALA A 264 0.34 -4.05 15.13
CA ALA A 264 -0.91 -4.56 15.70
C ALA A 264 -1.66 -3.39 16.34
N LEU A 265 -0.93 -2.34 16.69
CA LEU A 265 -1.52 -1.20 17.37
C LEU A 265 -1.85 0.02 16.49
N ILE A 266 -2.88 0.75 16.92
CA ILE A 266 -3.30 1.98 16.26
C ILE A 266 -3.37 2.99 17.41
N ARG A 267 -2.82 4.18 17.19
CA ARG A 267 -2.76 5.21 18.22
C ARG A 267 -3.33 6.55 17.81
N VAL A 268 -3.60 7.36 18.83
CA VAL A 268 -4.09 8.72 18.66
C VAL A 268 -2.89 9.44 18.02
N ALA A 269 -3.14 10.14 16.92
CA ALA A 269 -2.06 10.82 16.22
C ALA A 269 -2.36 12.26 15.85
N SER A 270 -1.30 13.00 15.51
CA SER A 270 -1.37 14.39 15.11
C SER A 270 -0.52 14.63 13.87
N VAL A 271 -0.95 15.56 13.03
CA VAL A 271 -0.20 15.92 11.84
C VAL A 271 0.92 16.83 12.33
N GLU A 272 2.16 16.33 12.25
CA GLU A 272 3.33 17.08 12.72
C GLU A 272 3.92 18.01 11.67
N ASP A 273 3.93 17.55 10.42
CA ASP A 273 4.48 18.32 9.32
C ASP A 273 3.77 17.89 8.04
N VAL A 274 3.92 18.65 6.97
CA VAL A 274 3.27 18.29 5.72
C VAL A 274 4.10 18.55 4.46
N GLU A 275 3.77 17.80 3.42
CA GLU A 275 4.37 17.91 2.09
C GLU A 275 3.17 17.94 1.16
N ASP A 276 3.40 18.06 -0.14
CA ASP A 276 2.29 18.09 -1.08
C ASP A 276 1.46 16.82 -1.05
N HIS A 277 2.11 15.67 -0.93
CA HIS A 277 1.39 14.40 -0.95
C HIS A 277 1.64 13.48 0.24
N ARG A 278 2.33 13.99 1.25
CA ARG A 278 2.62 13.18 2.42
C ARG A 278 2.45 14.00 3.69
N ILE A 279 2.24 13.33 4.82
CA ILE A 279 2.12 14.01 6.09
C ILE A 279 3.05 13.32 7.07
N LYS A 280 3.52 14.06 8.06
CA LYS A 280 4.40 13.47 9.06
C LYS A 280 3.52 13.19 10.27
N ILE A 281 3.52 11.95 10.71
CA ILE A 281 2.70 11.53 11.85
C ILE A 281 3.46 11.60 13.16
N HIS A 282 2.79 12.12 14.20
CA HIS A 282 3.36 12.16 15.54
C HIS A 282 2.34 11.54 16.47
N PHE A 283 2.77 10.59 17.30
CA PHE A 283 1.86 9.96 18.24
C PHE A 283 1.83 10.77 19.53
N ASP A 284 0.66 11.32 19.83
CA ASP A 284 0.43 12.13 21.02
C ASP A 284 1.00 11.52 22.29
N GLY A 285 1.69 12.33 23.07
CA GLY A 285 2.27 11.88 24.32
C GLY A 285 3.66 11.29 24.19
N TRP A 286 3.98 10.83 22.98
CA TRP A 286 5.28 10.24 22.72
C TRP A 286 6.34 11.25 22.33
N SER A 287 7.58 10.79 22.35
CA SER A 287 8.69 11.62 21.94
C SER A 287 8.53 11.77 20.43
N HIS A 288 9.26 12.72 19.83
CA HIS A 288 9.17 12.93 18.39
C HIS A 288 10.14 12.05 17.60
N GLY A 289 10.94 11.26 18.33
CA GLY A 289 11.89 10.39 17.66
C GLY A 289 11.22 9.31 16.83
N TYR A 290 9.97 9.01 17.13
CA TYR A 290 9.23 7.98 16.40
C TYR A 290 8.36 8.55 15.28
N ASP A 291 8.33 9.87 15.15
CA ASP A 291 7.53 10.51 14.11
C ASP A 291 7.96 9.97 12.75
N PHE A 292 7.02 9.85 11.82
CA PHE A 292 7.35 9.32 10.51
C PHE A 292 6.52 9.92 9.39
N TRP A 293 7.09 9.92 8.18
CA TRP A 293 6.40 10.42 7.01
C TRP A 293 5.61 9.30 6.37
N ILE A 294 4.46 9.63 5.79
CA ILE A 294 3.62 8.63 5.15
C ILE A 294 2.74 9.27 4.08
N ASP A 295 2.44 8.52 3.02
CA ASP A 295 1.60 9.05 1.96
C ASP A 295 0.22 9.39 2.50
N ALA A 296 -0.36 10.49 2.03
CA ALA A 296 -1.68 10.93 2.48
C ALA A 296 -2.77 9.92 2.17
N ASP A 297 -2.53 9.06 1.17
CA ASP A 297 -3.54 8.07 0.79
C ASP A 297 -3.18 6.67 1.31
N HIS A 298 -2.22 6.60 2.22
CA HIS A 298 -1.81 5.30 2.75
C HIS A 298 -2.99 4.64 3.46
N PRO A 299 -3.16 3.32 3.28
CA PRO A 299 -4.25 2.55 3.89
C PRO A 299 -4.22 2.50 5.41
N ASP A 300 -3.08 2.87 6.02
CA ASP A 300 -2.98 2.79 7.46
C ASP A 300 -3.16 4.07 8.28
N ILE A 301 -3.77 5.09 7.70
CA ILE A 301 -4.10 6.30 8.45
C ILE A 301 -5.61 6.45 8.29
N HIS A 302 -6.29 6.85 9.35
CA HIS A 302 -7.75 6.97 9.32
C HIS A 302 -8.25 8.15 10.13
N PRO A 303 -9.51 8.55 9.91
CA PRO A 303 -10.06 9.68 10.66
C PRO A 303 -10.41 9.25 12.08
N ALA A 304 -10.47 10.20 13.00
CA ALA A 304 -10.85 9.91 14.37
C ALA A 304 -12.18 9.16 14.35
N GLY A 305 -12.28 8.12 15.18
CA GLY A 305 -13.49 7.33 15.25
C GLY A 305 -13.45 6.02 14.49
N TRP A 306 -12.45 5.86 13.62
CA TRP A 306 -12.32 4.64 12.82
C TRP A 306 -12.25 3.41 13.71
N CYS A 307 -11.35 3.43 14.70
CA CYS A 307 -11.20 2.29 15.60
C CYS A 307 -12.48 1.93 16.36
N SER A 308 -13.11 2.90 17.02
CA SER A 308 -14.33 2.59 17.77
C SER A 308 -15.46 2.09 16.88
N LYS A 309 -15.56 2.64 15.67
CA LYS A 309 -16.63 2.22 14.75
C LYS A 309 -16.38 0.85 14.12
N THR A 310 -15.11 0.46 14.02
CA THR A 310 -14.78 -0.82 13.40
C THR A 310 -14.47 -1.92 14.42
N GLY A 311 -14.37 -1.56 15.70
CA GLY A 311 -14.11 -2.53 16.73
C GLY A 311 -12.64 -2.84 16.97
N HIS A 312 -11.78 -1.88 16.66
CA HIS A 312 -10.34 -2.05 16.86
C HIS A 312 -9.93 -1.21 18.06
N PRO A 313 -9.08 -1.76 18.95
CA PRO A 313 -8.66 -1.00 20.13
C PRO A 313 -7.84 0.21 19.69
N LEU A 314 -7.99 1.32 20.41
CA LEU A 314 -7.25 2.53 20.10
C LEU A 314 -6.35 2.88 21.29
N GLN A 315 -5.06 3.04 21.03
CA GLN A 315 -4.15 3.38 22.11
C GLN A 315 -4.25 4.87 22.39
N PRO A 316 -4.54 5.23 23.66
CA PRO A 316 -4.65 6.65 24.01
C PRO A 316 -3.25 7.24 24.09
N PRO A 317 -3.14 8.58 24.17
CA PRO A 317 -1.81 9.18 24.25
C PRO A 317 -1.01 8.60 25.41
N LEU A 318 0.30 8.50 25.25
CA LEU A 318 1.16 7.97 26.29
C LEU A 318 1.22 8.99 27.44
N GLY A 319 1.07 8.51 28.67
CA GLY A 319 1.10 9.41 29.81
C GLY A 319 2.50 9.60 30.38
N GLY A 320 2.67 10.60 31.25
CA GLY A 320 3.97 10.84 31.85
C GLY A 320 4.52 12.23 31.61
N GLY A 321 4.10 12.83 30.49
CA GLY A 321 4.55 14.18 30.15
C GLY A 321 6.02 14.48 30.34
N GLY A 322 6.89 13.68 29.74
CA GLY A 322 8.32 13.92 29.85
C GLY A 322 9.01 13.24 31.01
N SER A 323 8.27 12.94 32.08
CA SER A 323 8.86 12.29 33.24
C SER A 323 8.93 10.78 33.05
N ALA A 324 8.23 10.29 32.04
CA ALA A 324 8.22 8.86 31.75
C ALA A 324 9.04 8.57 30.50
N PRO A 325 9.54 7.34 30.37
CA PRO A 325 10.34 6.93 29.22
C PRO A 325 9.60 7.13 27.89
N SER A 326 10.30 7.66 26.89
CA SER A 326 9.73 7.87 25.55
C SER A 326 8.62 8.90 25.41
N THR A 327 8.47 9.78 26.39
CA THR A 327 7.44 10.80 26.33
C THR A 327 8.06 12.18 26.11
N GLY A 328 7.24 13.22 26.16
CA GLY A 328 7.73 14.58 25.98
C GLY A 328 6.92 15.39 24.99
N GLY A 329 6.31 14.70 24.03
CA GLY A 329 5.50 15.38 23.03
C GLY A 329 4.01 15.22 23.27
S SO4 B . -12.18 -32.79 -2.35
O1 SO4 B . -13.08 -32.99 -1.21
O2 SO4 B . -12.86 -31.99 -3.38
O3 SO4 B . -11.79 -34.10 -2.91
O4 SO4 B . -10.97 -32.08 -1.90
N MLY C . 22.41 0.06 -5.53
CA MLY C . 21.34 -0.45 -6.42
CB MLY C . 20.46 0.71 -6.88
CG MLY C . 19.21 0.28 -7.63
CD MLY C . 18.36 1.47 -8.04
CE MLY C . 17.09 1.01 -8.75
NZ MLY C . 16.23 2.12 -9.15
CH1 MLY C . 16.86 3.01 -10.14
CH2 MLY C . 15.02 1.53 -9.76
C MLY C . 21.96 -1.13 -7.64
O MLY C . 22.81 -0.50 -8.30
OXT MLY C . 21.60 -2.30 -7.91
O1 PG4 D . 12.23 -1.71 17.63
C1 PG4 D . 11.01 -1.71 16.87
C2 PG4 D . 9.87 -2.27 17.72
O2 PG4 D . 9.67 -1.44 18.88
C3 PG4 D . 8.52 -1.90 19.61
C4 PG4 D . 8.30 -1.03 20.84
O3 PG4 D . 8.14 0.34 20.42
C5 PG4 D . 7.87 1.17 21.56
C6 PG4 D . 7.84 2.62 21.14
O4 PG4 D . 6.83 2.81 20.14
C7 PG4 D . 6.64 4.21 19.92
C8 PG4 D . 5.43 4.44 18.99
O5 PG4 D . 5.70 3.88 17.71
C1 PEG E . -19.02 -3.18 11.50
O1 PEG E . -20.22 -2.66 10.90
C2 PEG E . -19.16 -3.16 13.02
O2 PEG E . -17.90 -3.56 13.59
C3 PEG E . -17.99 -3.65 15.02
C4 PEG E . -18.39 -2.30 15.62
O4 PEG E . -18.32 -2.37 17.05
#